data_8OGV
#
_entry.id   8OGV
#
_cell.length_a   118.870
_cell.length_b   39.060
_cell.length_c   68.150
_cell.angle_alpha   90.000
_cell.angle_beta   95.360
_cell.angle_gamma   90.000
#
_symmetry.space_group_name_H-M   'C 1 2 1'
#
loop_
_entity.id
_entity.type
_entity.pdbx_description
1 polymer 'Cyclic di-AMP synthase CdaA'
2 non-polymer (3S)-3-hydroxy-2-methyl-2,3-dihydro-1H-isoindol-1-one
3 non-polymer 'MAGNESIUM ION'
4 water water
#
_entity_poly.entity_id   1
_entity_poly.type   'polypeptide(L)'
_entity_poly.pdbx_seq_one_letter_code
;GPTPVEEAQQKTIEAITKAINYMAKRRIGALLTIERDTGMGDYIETGIPLNAKVSSELLINIFIPNTPLHDGAVIMKNNE
IAAAACYLPLSESPFISKELGTRHRAAVGISEVTDSLTIIVSEETGGVSVAKNGDLHRELTEEALKEMLEAEFK
;
_entity_poly.pdbx_strand_id   A,B
#
# COMPACT_ATOMS: atom_id res chain seq x y z
N THR A 3 -3.74 -27.86 -5.66
CA THR A 3 -4.98 -27.44 -4.96
C THR A 3 -5.07 -25.91 -4.90
N PRO A 4 -6.25 -25.36 -4.60
CA PRO A 4 -6.33 -23.90 -4.43
C PRO A 4 -5.35 -23.36 -3.40
N VAL A 5 -5.24 -24.02 -2.24
CA VAL A 5 -4.30 -23.58 -1.20
C VAL A 5 -2.86 -23.60 -1.71
N GLU A 6 -2.49 -24.63 -2.48
CA GLU A 6 -1.13 -24.72 -2.99
C GLU A 6 -0.86 -23.65 -4.02
N GLU A 7 -1.82 -23.42 -4.93
CA GLU A 7 -1.66 -22.34 -5.90
C GLU A 7 -1.53 -20.99 -5.20
N ALA A 8 -2.27 -20.78 -4.11
CA ALA A 8 -2.23 -19.50 -3.43
C ALA A 8 -0.89 -19.29 -2.75
N GLN A 9 -0.32 -20.34 -2.15
CA GLN A 9 0.99 -20.26 -1.51
C GLN A 9 2.05 -19.94 -2.55
N GLN A 10 1.98 -20.59 -3.71
CA GLN A 10 3.00 -20.31 -4.71
C GLN A 10 2.86 -18.89 -5.26
N LYS A 11 1.63 -18.42 -5.42
CA LYS A 11 1.45 -17.05 -5.91
C LYS A 11 2.03 -16.06 -4.93
N THR A 12 1.87 -16.33 -3.62
CA THR A 12 2.38 -15.43 -2.60
C THR A 12 3.91 -15.44 -2.56
N ILE A 13 4.53 -16.62 -2.64
CA ILE A 13 5.99 -16.74 -2.71
C ILE A 13 6.50 -15.96 -3.91
N GLU A 14 5.82 -16.06 -5.06
CA GLU A 14 6.27 -15.36 -6.27
C GLU A 14 6.17 -13.85 -6.09
N ALA A 15 5.09 -13.39 -5.49
CA ALA A 15 4.97 -11.95 -5.26
C ALA A 15 6.08 -11.45 -4.36
N ILE A 16 6.38 -12.17 -3.27
CA ILE A 16 7.42 -11.78 -2.33
C ILE A 16 8.78 -11.76 -3.04
N THR A 17 9.10 -12.79 -3.79
CA THR A 17 10.44 -12.86 -4.38
C THR A 17 10.60 -11.73 -5.39
N LYS A 18 9.53 -11.43 -6.16
CA LYS A 18 9.61 -10.31 -7.12
C LYS A 18 9.84 -8.99 -6.39
N ALA A 19 9.13 -8.75 -5.29
CA ALA A 19 9.32 -7.50 -4.57
C ALA A 19 10.71 -7.40 -3.98
N ILE A 20 11.19 -8.50 -3.36
CA ILE A 20 12.53 -8.54 -2.77
C ILE A 20 13.60 -8.32 -3.83
N ASN A 21 13.43 -8.90 -5.03
CA ASN A 21 14.43 -8.68 -6.09
C ASN A 21 14.49 -7.19 -6.50
N TYR A 22 13.32 -6.53 -6.57
CA TYR A 22 13.31 -5.12 -6.95
C TYR A 22 14.01 -4.29 -5.91
N MET A 23 13.74 -4.54 -4.64
CA MET A 23 14.30 -3.76 -3.53
C MET A 23 15.80 -4.07 -3.38
N ALA A 24 16.21 -5.30 -3.60
CA ALA A 24 17.64 -5.60 -3.53
C ALA A 24 18.41 -4.84 -4.60
N LYS A 25 17.86 -4.79 -5.80
CA LYS A 25 18.52 -4.10 -6.91
C LYS A 25 18.70 -2.60 -6.64
N ARG A 26 17.73 -1.98 -6.00
CA ARG A 26 17.72 -0.55 -5.71
C ARG A 26 18.21 -0.24 -4.33
N ARG A 27 18.65 -1.28 -3.58
CA ARG A 27 19.12 -1.09 -2.21
C ARG A 27 18.10 -0.29 -1.37
N ILE A 28 16.87 -0.80 -1.40
CA ILE A 28 15.75 -0.28 -0.60
C ILE A 28 15.67 -1.18 0.64
N GLY A 29 15.85 -0.60 1.83
CA GLY A 29 15.74 -1.40 3.04
C GLY A 29 14.34 -1.93 3.21
N ALA A 30 14.22 -3.17 3.67
CA ALA A 30 12.90 -3.75 3.87
C ALA A 30 12.96 -4.79 4.98
N LEU A 31 11.82 -4.99 5.62
CA LEU A 31 11.67 -5.88 6.75
C LEU A 31 10.30 -6.48 6.63
N LEU A 32 10.24 -7.79 6.37
CA LEU A 32 9.00 -8.51 6.08
C LEU A 32 8.91 -9.79 6.89
N THR A 33 8.06 -9.81 7.90
CA THR A 33 7.91 -10.97 8.79
C THR A 33 6.66 -11.75 8.44
N ILE A 34 6.80 -13.07 8.30
CA ILE A 34 5.70 -13.96 8.00
C ILE A 34 5.34 -14.74 9.27
N GLU A 35 4.17 -14.44 9.81
CA GLU A 35 3.72 -15.13 11.01
C GLU A 35 3.48 -16.60 10.70
N ARG A 36 3.85 -17.46 11.66
CA ARG A 36 3.66 -18.90 11.55
C ARG A 36 2.78 -19.35 12.70
N ASP A 37 3.23 -20.32 13.53
CA ASP A 37 2.33 -20.89 14.55
C ASP A 37 2.26 -20.03 15.79
N THR A 38 3.31 -19.25 16.07
CA THR A 38 3.26 -18.33 17.19
C THR A 38 2.54 -17.07 16.75
N GLY A 39 1.48 -16.73 17.47
CA GLY A 39 0.67 -15.57 17.12
C GLY A 39 1.44 -14.29 17.35
N MET A 40 1.31 -13.36 16.41
CA MET A 40 2.02 -12.10 16.50
C MET A 40 1.07 -10.90 16.56
N GLY A 41 -0.13 -11.12 17.09
CA GLY A 41 -1.09 -10.05 17.18
C GLY A 41 -0.58 -8.81 17.88
N ASP A 42 0.14 -8.97 18.98
CA ASP A 42 0.64 -7.80 19.72
C ASP A 42 1.57 -6.93 18.87
N TYR A 43 2.33 -7.55 17.99
CA TYR A 43 3.19 -6.76 17.10
C TYR A 43 2.41 -6.22 15.92
N ILE A 44 1.47 -6.98 15.38
CA ILE A 44 0.62 -6.46 14.30
C ILE A 44 -0.10 -5.19 14.75
N GLU A 45 -0.53 -5.14 15.99
CA GLU A 45 -1.31 -4.02 16.48
C GLU A 45 -0.50 -2.74 16.60
N THR A 46 0.85 -2.83 16.57
CA THR A 46 1.62 -1.61 16.69
C THR A 46 1.73 -0.89 15.36
N GLY A 47 1.35 -1.53 14.24
CA GLY A 47 1.49 -0.94 12.93
C GLY A 47 0.22 -0.32 12.40
N ILE A 48 0.27 0.04 11.13
CA ILE A 48 -0.88 0.58 10.42
C ILE A 48 -1.64 -0.62 9.85
N PRO A 49 -2.92 -0.80 10.19
CA PRO A 49 -3.66 -1.93 9.61
C PRO A 49 -3.83 -1.83 8.11
N LEU A 50 -3.61 -2.96 7.43
CA LEU A 50 -3.86 -3.12 5.99
C LEU A 50 -4.84 -4.25 5.68
N ASN A 51 -4.63 -5.43 6.23
CA ASN A 51 -5.38 -6.60 5.85
C ASN A 51 -5.56 -6.71 4.33
N ALA A 52 -4.46 -6.55 3.59
CA ALA A 52 -4.50 -6.40 2.16
C ALA A 52 -4.09 -7.69 1.45
N LYS A 53 -4.58 -7.87 0.25
CA LYS A 53 -4.04 -8.91 -0.62
C LYS A 53 -2.59 -8.64 -0.93
N VAL A 54 -1.79 -9.72 -0.96
CA VAL A 54 -0.40 -9.59 -1.34
C VAL A 54 -0.29 -9.32 -2.84
N SER A 55 0.65 -8.46 -3.21
CA SER A 55 1.09 -8.32 -4.57
C SER A 55 2.52 -7.78 -4.48
N SER A 56 3.31 -8.07 -5.49
CA SER A 56 4.64 -7.49 -5.54
C SER A 56 4.57 -5.97 -5.56
N GLU A 57 3.57 -5.43 -6.29
CA GLU A 57 3.42 -3.98 -6.41
C GLU A 57 3.18 -3.36 -5.04
N LEU A 58 2.23 -3.88 -4.26
CA LEU A 58 1.96 -3.28 -2.96
C LEU A 58 3.19 -3.38 -2.05
N LEU A 59 3.86 -4.51 -2.04
CA LEU A 59 5.05 -4.65 -1.20
C LEU A 59 6.09 -3.59 -1.57
N ILE A 60 6.36 -3.42 -2.86
CA ILE A 60 7.31 -2.36 -3.30
C ILE A 60 6.85 -0.99 -2.83
N ASN A 61 5.55 -0.67 -3.06
CA ASN A 61 5.06 0.67 -2.71
C ASN A 61 5.19 0.92 -1.21
N ILE A 62 4.97 -0.11 -0.37
CA ILE A 62 5.09 0.06 1.06
C ILE A 62 6.49 0.52 1.47
N PHE A 63 7.54 -0.09 0.91
CA PHE A 63 8.90 0.13 1.38
C PHE A 63 9.63 1.28 0.68
N ILE A 64 8.96 2.11 -0.09
CA ILE A 64 9.71 3.20 -0.73
C ILE A 64 10.27 4.14 0.34
N PRO A 65 11.54 4.51 0.26
CA PRO A 65 12.12 5.33 1.31
C PRO A 65 11.40 6.68 1.43
N ASN A 66 11.42 7.20 2.64
CA ASN A 66 10.82 8.48 3.01
C ASN A 66 9.32 8.55 2.73
N THR A 67 8.62 7.44 2.97
CA THR A 67 7.17 7.43 2.83
C THR A 67 6.58 7.03 4.17
N PRO A 68 5.27 7.26 4.37
CA PRO A 68 4.69 6.89 5.67
C PRO A 68 4.88 5.41 6.07
N LEU A 69 4.84 4.47 5.16
CA LEU A 69 4.77 3.07 5.60
C LEU A 69 6.10 2.37 5.68
N HIS A 70 7.20 3.01 5.24
CA HIS A 70 8.42 2.24 5.05
C HIS A 70 9.18 1.99 6.34
N ASP A 71 8.84 2.67 7.44
CA ASP A 71 9.62 2.63 8.70
C ASP A 71 9.04 1.59 9.67
N GLY A 72 9.59 0.40 9.67
CA GLY A 72 9.09 -0.70 10.49
C GLY A 72 8.86 -1.92 9.63
N ALA A 73 8.25 -2.93 10.23
CA ALA A 73 8.10 -4.21 9.55
C ALA A 73 6.69 -4.34 8.94
N VAL A 74 6.63 -4.97 7.75
CA VAL A 74 5.40 -5.57 7.27
C VAL A 74 5.23 -6.91 7.97
N ILE A 75 4.04 -7.25 8.45
CA ILE A 75 3.76 -8.55 9.00
C ILE A 75 2.68 -9.17 8.14
N MET A 76 2.94 -10.36 7.61
CA MET A 76 1.98 -11.13 6.85
C MET A 76 1.41 -12.24 7.71
N LYS A 77 0.13 -12.55 7.50
CA LYS A 77 -0.59 -13.55 8.25
C LYS A 77 -1.69 -14.04 7.33
N ASN A 78 -1.89 -15.35 7.29
CA ASN A 78 -2.96 -15.95 6.47
C ASN A 78 -2.95 -15.44 5.03
N ASN A 79 -1.76 -15.34 4.43
CA ASN A 79 -1.59 -15.04 3.02
C ASN A 79 -1.99 -13.59 2.66
N GLU A 80 -2.04 -12.70 3.65
CA GLU A 80 -2.34 -11.28 3.47
C GLU A 80 -1.32 -10.46 4.20
N ILE A 81 -1.24 -9.18 3.83
CA ILE A 81 -0.43 -8.23 4.55
C ILE A 81 -1.28 -7.66 5.70
N ALA A 82 -1.01 -8.09 6.94
CA ALA A 82 -1.84 -7.68 8.08
C ALA A 82 -1.62 -6.22 8.39
N ALA A 83 -0.38 -5.80 8.48
CA ALA A 83 -0.07 -4.41 8.82
C ALA A 83 1.33 -4.06 8.34
N ALA A 84 1.57 -2.76 8.25
CA ALA A 84 2.90 -2.25 7.93
C ALA A 84 3.37 -1.29 9.01
N ALA A 85 4.67 -0.97 8.97
CA ALA A 85 5.26 -0.04 9.95
C ALA A 85 5.12 -0.54 11.36
N CYS A 86 5.27 -1.84 11.52
CA CYS A 86 5.12 -2.47 12.82
C CYS A 86 6.44 -2.48 13.58
N TYR A 87 6.32 -2.43 14.90
CA TYR A 87 7.45 -2.63 15.81
C TYR A 87 7.81 -4.11 15.89
N LEU A 88 9.11 -4.38 15.97
CA LEU A 88 9.65 -5.69 16.32
C LEU A 88 10.72 -5.46 17.37
N PRO A 89 10.91 -6.42 18.27
CA PRO A 89 11.91 -6.26 19.33
C PRO A 89 13.32 -6.44 18.81
N LEU A 90 14.21 -5.55 19.27
CA LEU A 90 15.62 -5.63 18.83
C LEU A 90 16.34 -6.74 19.59
N SER A 91 16.99 -7.63 18.86
CA SER A 91 17.86 -8.63 19.47
C SER A 91 19.01 -7.95 20.18
N GLU A 92 19.40 -8.56 21.31
CA GLU A 92 20.61 -8.23 22.03
C GLU A 92 21.69 -9.28 21.77
N SER A 93 21.49 -10.12 20.78
CA SER A 93 22.50 -11.18 20.53
C SER A 93 23.84 -10.59 20.16
N PRO A 94 24.95 -11.06 20.74
CA PRO A 94 26.26 -10.53 20.38
C PRO A 94 26.84 -11.18 19.14
N PHE A 95 26.06 -12.05 18.47
CA PHE A 95 26.56 -12.89 17.39
C PHE A 95 26.03 -12.48 16.05
N ILE A 96 25.48 -11.32 15.96
CA ILE A 96 25.05 -10.74 14.70
C ILE A 96 26.22 -9.94 14.17
N SER A 97 26.43 -10.03 12.86
CA SER A 97 27.53 -9.30 12.22
C SER A 97 27.50 -7.83 12.64
N LYS A 98 28.65 -7.32 13.07
CA LYS A 98 28.68 -6.00 13.69
C LYS A 98 28.39 -4.87 12.70
N GLU A 99 28.48 -5.15 11.40
CA GLU A 99 28.22 -4.10 10.44
C GLU A 99 26.74 -3.89 10.19
N LEU A 100 25.89 -4.73 10.76
CA LEU A 100 24.45 -4.63 10.51
C LEU A 100 23.78 -3.77 11.57
N GLY A 101 22.69 -3.13 11.16
CA GLY A 101 22.03 -2.18 12.03
C GLY A 101 20.67 -2.68 12.50
N THR A 102 19.76 -1.75 12.77
CA THR A 102 18.58 -2.08 13.55
C THR A 102 17.56 -2.91 12.77
N ARG A 103 17.48 -2.81 11.45
CA ARG A 103 16.58 -3.65 10.67
C ARG A 103 16.88 -5.13 10.91
N HIS A 104 18.17 -5.47 10.81
CA HIS A 104 18.55 -6.86 11.00
C HIS A 104 18.39 -7.29 12.45
N ARG A 105 18.68 -6.41 13.40
CA ARG A 105 18.52 -6.76 14.81
C ARG A 105 17.06 -6.94 15.15
N ALA A 106 16.17 -6.18 14.53
CA ALA A 106 14.73 -6.35 14.73
C ALA A 106 14.28 -7.70 14.19
N ALA A 107 14.76 -8.05 12.99
CA ALA A 107 14.41 -9.37 12.43
C ALA A 107 14.86 -10.50 13.35
N VAL A 108 16.14 -10.45 13.75
CA VAL A 108 16.63 -11.50 14.64
C VAL A 108 15.84 -11.50 15.93
N GLY A 109 15.52 -10.33 16.48
CA GLY A 109 14.76 -10.22 17.70
C GLY A 109 13.40 -10.89 17.65
N ILE A 110 12.63 -10.63 16.60
CA ILE A 110 11.33 -11.31 16.54
C ILE A 110 11.53 -12.82 16.35
N SER A 111 12.60 -13.22 15.64
CA SER A 111 12.85 -14.65 15.42
C SER A 111 13.30 -15.39 16.68
N GLU A 112 13.66 -14.68 17.74
CA GLU A 112 14.07 -15.29 19.00
C GLU A 112 12.89 -15.70 19.84
N VAL A 113 11.70 -15.09 19.59
CA VAL A 113 10.53 -15.26 20.43
C VAL A 113 9.31 -15.74 19.67
N THR A 114 9.49 -16.08 18.40
CA THR A 114 8.44 -16.64 17.58
C THR A 114 9.05 -17.64 16.63
N ASP A 115 8.21 -18.45 15.99
CA ASP A 115 8.66 -19.32 14.90
C ASP A 115 8.51 -18.67 13.54
N SER A 116 8.43 -17.34 13.50
CA SER A 116 8.19 -16.63 12.25
C SER A 116 9.45 -16.66 11.38
N LEU A 117 9.27 -16.34 10.11
CA LEU A 117 10.37 -16.19 9.15
C LEU A 117 10.40 -14.73 8.72
N THR A 118 11.52 -14.05 8.85
CA THR A 118 11.63 -12.64 8.49
C THR A 118 12.63 -12.51 7.36
N ILE A 119 12.30 -11.72 6.36
CA ILE A 119 13.17 -11.37 5.26
C ILE A 119 13.63 -9.93 5.43
N ILE A 120 14.92 -9.68 5.21
CA ILE A 120 15.49 -8.35 5.35
C ILE A 120 16.20 -8.05 4.05
N VAL A 121 16.00 -6.80 3.55
CA VAL A 121 16.85 -6.25 2.48
C VAL A 121 17.68 -5.10 3.07
N SER A 122 18.99 -5.19 2.92
CA SER A 122 19.86 -4.14 3.42
C SER A 122 19.84 -2.86 2.55
N GLU A 123 19.63 -1.73 3.21
CA GLU A 123 19.74 -0.46 2.46
C GLU A 123 21.17 -0.13 2.11
N GLU A 124 22.16 -0.73 2.79
CA GLU A 124 23.56 -0.45 2.48
C GLU A 124 24.04 -1.21 1.27
N THR A 125 23.64 -2.47 1.13
CA THR A 125 24.20 -3.33 0.10
C THR A 125 23.18 -3.92 -0.83
N GLY A 126 21.91 -3.87 -0.48
CA GLY A 126 20.92 -4.64 -1.22
C GLY A 126 21.00 -6.13 -0.92
N GLY A 127 21.87 -6.56 -0.01
CA GLY A 127 21.88 -7.97 0.38
C GLY A 127 20.57 -8.42 1.02
N VAL A 128 20.20 -9.67 0.76
CA VAL A 128 18.97 -10.27 1.26
C VAL A 128 19.32 -11.32 2.32
N SER A 129 18.66 -11.26 3.46
CA SER A 129 18.90 -12.21 4.53
C SER A 129 17.60 -12.63 5.15
N VAL A 130 17.61 -13.73 5.91
CA VAL A 130 16.42 -14.26 6.55
C VAL A 130 16.75 -14.57 8.00
N ALA A 131 15.89 -14.18 8.93
CA ALA A 131 16.01 -14.46 10.34
C ALA A 131 14.98 -15.52 10.72
N LYS A 132 15.46 -16.56 11.40
CA LYS A 132 14.61 -17.64 11.91
C LYS A 132 15.32 -18.24 13.12
N ASN A 133 14.57 -18.50 14.18
CA ASN A 133 15.09 -19.27 15.31
C ASN A 133 16.24 -18.56 16.03
N GLY A 134 16.39 -17.22 15.86
CA GLY A 134 17.48 -16.49 16.48
C GLY A 134 18.73 -16.38 15.63
N ASP A 135 18.73 -16.92 14.41
CA ASP A 135 19.88 -16.83 13.53
C ASP A 135 19.53 -16.06 12.26
N LEU A 136 20.56 -15.44 11.72
CA LEU A 136 20.44 -14.64 10.53
C LEU A 136 21.25 -15.33 9.43
N HIS A 137 20.58 -15.62 8.33
CA HIS A 137 21.14 -16.24 7.13
C HIS A 137 21.38 -15.20 6.08
N ARG A 138 22.65 -14.90 5.81
CA ARG A 138 23.01 -13.72 5.06
C ARG A 138 23.31 -14.03 3.61
N GLU A 139 23.26 -12.96 2.79
CA GLU A 139 23.76 -12.97 1.44
C GLU A 139 23.13 -14.10 0.61
N LEU A 140 21.81 -14.13 0.63
CA LEU A 140 21.05 -15.15 -0.07
C LEU A 140 20.91 -14.79 -1.53
N THR A 141 20.98 -15.82 -2.39
CA THR A 141 20.54 -15.71 -3.75
C THR A 141 19.03 -15.80 -3.83
N GLU A 142 18.50 -15.53 -5.03
CA GLU A 142 17.07 -15.68 -5.27
C GLU A 142 16.63 -17.11 -4.99
N GLU A 143 17.42 -18.07 -5.49
CA GLU A 143 17.06 -19.48 -5.32
C GLU A 143 17.07 -19.88 -3.86
N ALA A 144 18.06 -19.40 -3.09
CA ALA A 144 18.10 -19.68 -1.67
C ALA A 144 16.88 -19.14 -0.92
N LEU A 145 16.47 -17.92 -1.22
CA LEU A 145 15.34 -17.35 -0.51
C LEU A 145 14.07 -18.14 -0.87
N LYS A 146 13.90 -18.49 -2.16
CA LYS A 146 12.74 -19.29 -2.55
C LYS A 146 12.72 -20.63 -1.82
N GLU A 147 13.89 -21.27 -1.73
CA GLU A 147 13.94 -22.56 -1.04
C GLU A 147 13.51 -22.42 0.41
N MET A 148 13.94 -21.34 1.06
CA MET A 148 13.56 -21.11 2.45
C MET A 148 12.07 -20.90 2.56
N LEU A 149 11.48 -20.12 1.64
CA LEU A 149 10.03 -19.88 1.71
C LEU A 149 9.25 -21.17 1.46
N GLU A 150 9.72 -21.99 0.49
CA GLU A 150 9.05 -23.27 0.23
C GLU A 150 9.19 -24.22 1.42
N ALA A 151 10.37 -24.23 2.06
CA ALA A 151 10.59 -25.13 3.18
C ALA A 151 9.76 -24.71 4.38
N GLU A 152 9.59 -23.39 4.55
CA GLU A 152 8.83 -22.90 5.67
C GLU A 152 7.41 -23.42 5.62
N PHE A 153 6.85 -23.52 4.42
CA PHE A 153 5.43 -23.83 4.24
C PHE A 153 5.17 -25.28 3.90
N LYS A 154 6.20 -26.13 3.95
CA LYS A 154 6.03 -27.54 3.64
C LYS A 154 5.83 -28.35 4.91
N PRO B 2 -23.41 8.67 17.58
CA PRO B 2 -23.16 8.27 16.18
C PRO B 2 -23.10 6.74 16.09
N THR B 3 -23.57 6.13 15.01
CA THR B 3 -23.46 4.68 14.91
C THR B 3 -22.05 4.27 14.50
N PRO B 4 -21.72 2.99 14.62
CA PRO B 4 -20.43 2.53 14.06
C PRO B 4 -20.25 2.85 12.57
N VAL B 5 -21.30 2.71 11.76
CA VAL B 5 -21.21 3.03 10.34
C VAL B 5 -20.82 4.49 10.17
N GLU B 6 -21.48 5.37 10.94
CA GLU B 6 -21.16 6.80 10.81
C GLU B 6 -19.73 7.10 11.29
N GLU B 7 -19.32 6.50 12.38
CA GLU B 7 -17.94 6.69 12.86
C GLU B 7 -16.93 6.17 11.85
N ALA B 8 -17.20 5.02 11.23
CA ALA B 8 -16.28 4.50 10.21
C ALA B 8 -16.21 5.47 9.04
N GLN B 9 -17.36 6.03 8.64
CA GLN B 9 -17.38 6.98 7.55
C GLN B 9 -16.53 8.20 7.88
N GLN B 10 -16.60 8.67 9.12
CA GLN B 10 -15.85 9.86 9.52
C GLN B 10 -14.35 9.56 9.51
N LYS B 11 -13.95 8.37 9.98
CA LYS B 11 -12.54 7.96 9.91
C LYS B 11 -12.04 7.89 8.47
N THR B 12 -12.85 7.34 7.56
CA THR B 12 -12.44 7.23 6.17
C THR B 12 -12.28 8.60 5.53
N ILE B 13 -13.23 9.51 5.82
CA ILE B 13 -13.13 10.89 5.30
C ILE B 13 -11.88 11.57 5.84
N GLU B 14 -11.60 11.40 7.13
CA GLU B 14 -10.36 11.93 7.71
C GLU B 14 -9.11 11.38 7.00
N ALA B 15 -9.11 10.07 6.70
CA ALA B 15 -7.94 9.46 6.07
C ALA B 15 -7.76 10.03 4.66
N ILE B 16 -8.83 10.13 3.92
CA ILE B 16 -8.79 10.67 2.56
C ILE B 16 -8.32 12.12 2.56
N THR B 17 -8.91 12.95 3.43
CA THR B 17 -8.53 14.37 3.41
C THR B 17 -7.08 14.59 3.83
N LYS B 18 -6.61 13.83 4.84
CA LYS B 18 -5.22 13.95 5.24
C LYS B 18 -4.29 13.58 4.09
N ALA B 19 -4.63 12.50 3.35
CA ALA B 19 -3.79 12.06 2.24
C ALA B 19 -3.78 13.09 1.10
N ILE B 20 -4.99 13.57 0.76
CA ILE B 20 -5.09 14.54 -0.33
C ILE B 20 -4.33 15.80 0.03
N ASN B 21 -4.44 16.25 1.27
CA ASN B 21 -3.78 17.50 1.69
C ASN B 21 -2.26 17.35 1.57
N TYR B 22 -1.75 16.18 1.98
CA TYR B 22 -0.31 15.89 1.90
C TYR B 22 0.16 15.86 0.44
N MET B 23 -0.60 15.19 -0.41
CA MET B 23 -0.21 15.08 -1.78
C MET B 23 -0.30 16.42 -2.50
N ALA B 24 -1.35 17.20 -2.23
CA ALA B 24 -1.46 18.54 -2.83
C ALA B 24 -0.24 19.38 -2.50
N LYS B 25 0.20 19.37 -1.23
CA LYS B 25 1.34 20.20 -0.81
C LYS B 25 2.61 19.83 -1.54
N ARG B 26 2.77 18.56 -1.91
CA ARG B 26 3.99 18.07 -2.53
C ARG B 26 3.83 17.86 -4.01
N ARG B 27 2.71 18.28 -4.57
CA ARG B 27 2.48 18.13 -6.01
C ARG B 27 2.61 16.65 -6.44
N ILE B 28 2.07 15.73 -5.63
CA ILE B 28 1.98 14.32 -5.97
C ILE B 28 0.65 14.13 -6.68
N GLY B 29 0.72 13.78 -7.96
CA GLY B 29 -0.49 13.53 -8.71
C GLY B 29 -1.25 12.36 -8.13
N ALA B 30 -2.57 12.48 -8.12
CA ALA B 30 -3.38 11.39 -7.58
C ALA B 30 -4.73 11.38 -8.24
N LEU B 31 -5.34 10.22 -8.20
CA LEU B 31 -6.64 9.98 -8.81
C LEU B 31 -7.37 8.95 -7.97
N LEU B 32 -8.40 9.36 -7.28
CA LEU B 32 -9.04 8.56 -6.23
C LEU B 32 -10.55 8.59 -6.45
N THR B 33 -11.12 7.47 -6.83
CA THR B 33 -12.56 7.36 -7.13
C THR B 33 -13.26 6.62 -6.01
N ILE B 34 -14.30 7.21 -5.47
CA ILE B 34 -15.11 6.60 -4.42
C ILE B 34 -16.38 6.08 -5.05
N GLU B 35 -16.53 4.75 -5.04
CA GLU B 35 -17.72 4.12 -5.55
C GLU B 35 -18.91 4.53 -4.68
N ARG B 36 -20.04 4.78 -5.33
CA ARG B 36 -21.29 5.05 -4.63
C ARG B 36 -22.28 3.96 -5.04
N ASP B 37 -23.46 4.34 -5.56
CA ASP B 37 -24.47 3.30 -5.76
C ASP B 37 -24.32 2.57 -7.09
N THR B 38 -23.65 3.16 -8.08
CA THR B 38 -23.39 2.44 -9.32
C THR B 38 -22.12 1.62 -9.14
N GLY B 39 -22.23 0.31 -9.28
CA GLY B 39 -21.06 -0.53 -9.01
C GLY B 39 -19.99 -0.33 -10.03
N MET B 40 -18.75 -0.38 -9.58
CA MET B 40 -17.58 -0.14 -10.43
C MET B 40 -16.72 -1.35 -10.62
N GLY B 41 -17.27 -2.54 -10.46
CA GLY B 41 -16.46 -3.76 -10.52
C GLY B 41 -15.67 -3.90 -11.80
N ASP B 42 -16.27 -3.51 -12.95
CA ASP B 42 -15.58 -3.66 -14.22
C ASP B 42 -14.26 -2.87 -14.20
N TYR B 43 -14.24 -1.72 -13.52
CA TYR B 43 -13.04 -0.89 -13.45
C TYR B 43 -12.09 -1.35 -12.38
N ILE B 44 -12.63 -1.79 -11.25
CA ILE B 44 -11.82 -2.36 -10.16
C ILE B 44 -10.99 -3.51 -10.66
N GLU B 45 -11.60 -4.36 -11.50
CA GLU B 45 -10.97 -5.57 -12.02
C GLU B 45 -9.83 -5.30 -12.97
N THR B 46 -9.67 -4.05 -13.45
CA THR B 46 -8.56 -3.70 -14.30
C THR B 46 -7.27 -3.41 -13.52
N GLY B 47 -7.38 -3.16 -12.21
CA GLY B 47 -6.25 -2.75 -11.40
C GLY B 47 -5.62 -3.90 -10.65
N ILE B 48 -4.75 -3.52 -9.73
CA ILE B 48 -4.09 -4.48 -8.84
C ILE B 48 -5.01 -4.60 -7.63
N PRO B 49 -5.48 -5.80 -7.27
CA PRO B 49 -6.35 -5.93 -6.10
C PRO B 49 -5.62 -5.67 -4.80
N LEU B 50 -6.18 -4.83 -3.95
CA LEU B 50 -5.73 -4.57 -2.58
C LEU B 50 -6.73 -5.07 -1.53
N ASN B 51 -7.96 -4.66 -1.64
CA ASN B 51 -9.00 -4.96 -0.63
C ASN B 51 -8.49 -4.58 0.75
N ALA B 52 -7.87 -3.40 0.84
CA ALA B 52 -7.15 -3.01 2.04
C ALA B 52 -7.95 -2.06 2.89
N LYS B 53 -7.70 -2.05 4.17
CA LYS B 53 -8.26 -1.03 5.07
C LYS B 53 -7.71 0.33 4.68
N VAL B 54 -8.55 1.36 4.72
CA VAL B 54 -8.10 2.72 4.37
C VAL B 54 -7.17 3.22 5.45
N SER B 55 -6.14 3.95 5.01
CA SER B 55 -5.36 4.80 5.90
C SER B 55 -4.78 5.90 5.03
N SER B 56 -4.52 7.03 5.66
CA SER B 56 -3.87 8.12 4.92
C SER B 56 -2.50 7.68 4.46
N GLU B 57 -1.83 6.89 5.29
CA GLU B 57 -0.48 6.40 4.98
C GLU B 57 -0.49 5.55 3.71
N LEU B 58 -1.41 4.58 3.63
CA LEU B 58 -1.47 3.74 2.44
C LEU B 58 -1.79 4.58 1.19
N LEU B 59 -2.81 5.43 1.29
CA LEU B 59 -3.15 6.27 0.14
C LEU B 59 -1.93 7.05 -0.38
N ILE B 60 -1.19 7.65 0.53
CA ILE B 60 0.01 8.40 0.14
C ILE B 60 1.02 7.49 -0.52
N ASN B 61 1.31 6.32 0.13
CA ASN B 61 2.33 5.41 -0.42
C ASN B 61 1.93 4.97 -1.84
N ILE B 62 0.62 4.78 -2.10
CA ILE B 62 0.20 4.32 -3.42
C ILE B 62 0.61 5.28 -4.53
N PHE B 63 0.49 6.57 -4.28
CA PHE B 63 0.67 7.53 -5.36
C PHE B 63 2.07 8.12 -5.48
N ILE B 64 3.02 7.62 -4.69
CA ILE B 64 4.38 8.18 -4.84
C ILE B 64 4.87 8.01 -6.28
N PRO B 65 5.40 9.07 -6.92
CA PRO B 65 5.81 8.94 -8.31
C PRO B 65 6.81 7.81 -8.56
N ASN B 66 6.72 7.24 -9.74
CA ASN B 66 7.67 6.25 -10.22
C ASN B 66 7.64 4.94 -9.43
N THR B 67 6.47 4.60 -8.91
CA THR B 67 6.27 3.35 -8.20
C THR B 67 5.26 2.48 -8.92
N PRO B 68 5.17 1.18 -8.57
CA PRO B 68 4.28 0.31 -9.34
C PRO B 68 2.82 0.75 -9.30
N LEU B 69 2.35 1.31 -8.20
CA LEU B 69 0.91 1.56 -8.07
C LEU B 69 0.47 2.96 -8.43
N HIS B 70 1.35 3.86 -8.82
CA HIS B 70 0.99 5.27 -8.86
C HIS B 70 0.21 5.68 -10.12
N ASP B 71 0.27 4.90 -11.19
CA ASP B 71 -0.36 5.30 -12.43
C ASP B 71 -1.70 4.60 -12.57
N GLY B 72 -2.73 5.36 -12.75
CA GLY B 72 -4.08 4.86 -12.78
C GLY B 72 -4.81 5.28 -11.52
N ALA B 73 -6.06 4.84 -11.45
CA ALA B 73 -6.91 5.25 -10.34
C ALA B 73 -6.90 4.25 -9.18
N VAL B 74 -7.00 4.79 -7.98
CA VAL B 74 -7.41 4.03 -6.81
C VAL B 74 -8.92 4.06 -6.76
N ILE B 75 -9.55 2.91 -6.54
CA ILE B 75 -11.00 2.84 -6.39
C ILE B 75 -11.31 2.34 -4.99
N MET B 76 -12.08 3.13 -4.24
CA MET B 76 -12.52 2.80 -2.89
C MET B 76 -13.94 2.30 -2.93
N LYS B 77 -14.17 1.27 -2.13
CA LYS B 77 -15.53 0.81 -1.83
C LYS B 77 -15.66 0.94 -0.33
N ASN B 78 -16.57 1.86 0.08
CA ASN B 78 -16.94 2.11 1.46
C ASN B 78 -15.65 2.41 2.21
N ASN B 79 -15.26 1.53 3.09
CA ASN B 79 -14.13 1.82 3.96
C ASN B 79 -12.89 1.07 3.51
N GLU B 80 -12.86 0.60 2.26
CA GLU B 80 -11.69 -0.15 1.77
C GLU B 80 -11.15 0.42 0.47
N ILE B 81 -9.83 0.27 0.32
CA ILE B 81 -9.17 0.52 -0.96
C ILE B 81 -9.32 -0.77 -1.77
N ALA B 82 -10.21 -0.81 -2.76
CA ALA B 82 -10.45 -2.05 -3.49
C ALA B 82 -9.29 -2.41 -4.40
N ALA B 83 -8.79 -1.44 -5.15
CA ALA B 83 -7.74 -1.71 -6.10
C ALA B 83 -7.02 -0.43 -6.44
N ALA B 84 -5.81 -0.54 -6.96
CA ALA B 84 -5.03 0.62 -7.38
C ALA B 84 -4.59 0.39 -8.83
N ALA B 85 -4.16 1.47 -9.49
CA ALA B 85 -3.66 1.37 -10.87
C ALA B 85 -4.76 0.90 -11.82
N CYS B 86 -5.98 1.36 -11.56
CA CYS B 86 -7.16 0.97 -12.33
C CYS B 86 -7.31 1.89 -13.55
N TYR B 87 -7.84 1.31 -14.62
CA TYR B 87 -8.30 2.06 -15.78
C TYR B 87 -9.66 2.72 -15.50
N LEU B 88 -9.81 3.94 -16.01
CA LEU B 88 -11.07 4.66 -16.10
C LEU B 88 -11.17 5.24 -17.51
N PRO B 89 -12.40 5.36 -18.03
CA PRO B 89 -12.59 5.87 -19.40
C PRO B 89 -12.33 7.36 -19.45
N LEU B 90 -11.74 7.81 -20.56
CA LEU B 90 -11.44 9.23 -20.72
C LEU B 90 -12.65 10.01 -21.24
N SER B 91 -12.97 11.11 -20.56
CA SER B 91 -14.04 11.98 -21.04
C SER B 91 -13.54 12.78 -22.25
N GLU B 92 -14.48 13.05 -23.14
CA GLU B 92 -14.29 13.95 -24.27
C GLU B 92 -15.04 15.26 -24.07
N SER B 93 -15.42 15.52 -22.85
CA SER B 93 -16.16 16.76 -22.56
C SER B 93 -15.34 17.99 -22.93
N PRO B 94 -15.96 18.99 -23.56
CA PRO B 94 -15.22 20.22 -23.85
C PRO B 94 -15.10 21.15 -22.67
N PHE B 95 -15.69 20.84 -21.53
CA PHE B 95 -15.60 21.61 -20.30
C PHE B 95 -14.46 21.20 -19.38
N ILE B 96 -13.51 20.44 -19.86
CA ILE B 96 -12.28 20.12 -19.12
C ILE B 96 -11.25 21.12 -19.63
N SER B 97 -10.69 21.90 -18.72
CA SER B 97 -9.69 22.89 -19.09
C SER B 97 -8.62 22.24 -19.97
N LYS B 98 -8.24 22.92 -21.05
CA LYS B 98 -7.39 22.28 -22.07
C LYS B 98 -6.03 21.92 -21.52
N GLU B 99 -5.54 22.63 -20.49
CA GLU B 99 -4.20 22.33 -19.97
C GLU B 99 -4.14 21.06 -19.13
N LEU B 100 -5.30 20.55 -18.72
CA LEU B 100 -5.34 19.36 -17.86
C LEU B 100 -5.05 18.08 -18.62
N GLY B 101 -4.42 17.16 -17.91
CA GLY B 101 -4.00 15.89 -18.48
C GLY B 101 -4.94 14.72 -18.24
N THR B 102 -4.38 13.54 -18.36
CA THR B 102 -5.20 12.34 -18.41
C THR B 102 -5.89 12.04 -17.09
N ARG B 103 -5.29 12.37 -15.92
CA ARG B 103 -5.96 12.04 -14.65
C ARG B 103 -7.31 12.77 -14.58
N HIS B 104 -7.34 14.06 -14.96
CA HIS B 104 -8.62 14.77 -14.89
C HIS B 104 -9.60 14.26 -15.91
N ARG B 105 -9.14 13.91 -17.10
CA ARG B 105 -10.03 13.39 -18.13
C ARG B 105 -10.61 12.03 -17.73
N ALA B 106 -9.80 11.16 -17.12
CA ALA B 106 -10.27 9.88 -16.58
C ALA B 106 -11.33 10.09 -15.49
N ALA B 107 -11.09 11.05 -14.60
CA ALA B 107 -12.01 11.33 -13.51
C ALA B 107 -13.36 11.77 -14.06
N VAL B 108 -13.34 12.75 -14.98
CA VAL B 108 -14.62 13.16 -15.54
C VAL B 108 -15.25 12.00 -16.29
N GLY B 109 -14.45 11.20 -16.98
CA GLY B 109 -14.98 10.06 -17.73
C GLY B 109 -15.75 9.07 -16.87
N ILE B 110 -15.17 8.65 -15.73
CA ILE B 110 -15.91 7.76 -14.87
C ILE B 110 -17.15 8.45 -14.28
N SER B 111 -17.05 9.76 -14.01
CA SER B 111 -18.19 10.42 -13.45
C SER B 111 -19.35 10.61 -14.45
N GLU B 112 -19.12 10.38 -15.75
CA GLU B 112 -20.21 10.44 -16.72
C GLU B 112 -21.03 9.13 -16.79
N VAL B 113 -20.50 8.05 -16.23
CA VAL B 113 -21.18 6.74 -16.34
C VAL B 113 -21.41 6.09 -15.00
N THR B 114 -21.16 6.81 -13.93
CA THR B 114 -21.44 6.35 -12.58
C THR B 114 -21.82 7.56 -11.75
N ASP B 115 -22.29 7.30 -10.55
CA ASP B 115 -22.57 8.30 -9.50
C ASP B 115 -21.38 8.48 -8.56
N SER B 116 -20.19 8.01 -8.97
CA SER B 116 -19.04 8.03 -8.07
C SER B 116 -18.55 9.45 -7.86
N LEU B 117 -17.74 9.65 -6.84
CA LEU B 117 -17.07 10.93 -6.63
C LEU B 117 -15.61 10.64 -6.84
N THR B 118 -14.92 11.45 -7.67
CA THR B 118 -13.49 11.27 -7.93
C THR B 118 -12.74 12.53 -7.52
N ILE B 119 -11.66 12.33 -6.78
CA ILE B 119 -10.77 13.42 -6.38
C ILE B 119 -9.51 13.35 -7.21
N ILE B 120 -8.99 14.50 -7.65
CA ILE B 120 -7.79 14.59 -8.47
C ILE B 120 -6.87 15.58 -7.82
N VAL B 121 -5.59 15.22 -7.69
CA VAL B 121 -4.52 16.16 -7.31
C VAL B 121 -3.68 16.39 -8.56
N SER B 122 -3.51 17.68 -8.95
CA SER B 122 -2.66 17.96 -10.09
C SER B 122 -1.18 17.92 -9.72
N GLU B 123 -0.38 17.20 -10.51
CA GLU B 123 1.07 17.18 -10.31
C GLU B 123 1.70 18.47 -10.79
N GLU B 124 0.97 19.25 -11.58
CA GLU B 124 1.50 20.53 -12.07
C GLU B 124 1.37 21.61 -11.03
N THR B 125 0.16 21.76 -10.48
CA THR B 125 -0.10 22.89 -9.60
C THR B 125 -0.32 22.54 -8.15
N GLY B 126 -0.59 21.28 -7.83
CA GLY B 126 -1.06 20.88 -6.52
C GLY B 126 -2.53 21.16 -6.29
N GLY B 127 -3.24 21.73 -7.27
CA GLY B 127 -4.68 21.97 -7.11
C GLY B 127 -5.44 20.67 -6.94
N VAL B 128 -6.52 20.78 -6.21
CA VAL B 128 -7.41 19.65 -5.93
C VAL B 128 -8.73 19.88 -6.62
N SER B 129 -9.24 18.85 -7.33
CA SER B 129 -10.51 18.99 -7.97
C SER B 129 -11.33 17.73 -7.72
N VAL B 130 -12.64 17.84 -7.97
CA VAL B 130 -13.55 16.73 -7.87
C VAL B 130 -14.37 16.61 -9.15
N ALA B 131 -14.58 15.40 -9.61
CA ALA B 131 -15.46 15.09 -10.71
C ALA B 131 -16.64 14.36 -10.19
N LYS B 132 -17.84 14.85 -10.57
CA LYS B 132 -19.09 14.20 -10.20
C LYS B 132 -20.14 14.54 -11.25
N ASN B 133 -20.83 13.51 -11.75
CA ASN B 133 -21.95 13.70 -12.67
C ASN B 133 -21.53 14.48 -13.90
N GLY B 134 -20.30 14.22 -14.38
CA GLY B 134 -19.84 14.83 -15.61
C GLY B 134 -19.24 16.20 -15.50
N ASP B 135 -19.20 16.78 -14.31
CA ASP B 135 -18.68 18.13 -14.07
C ASP B 135 -17.40 18.02 -13.27
N LEU B 136 -16.46 18.88 -13.61
CA LEU B 136 -15.21 19.00 -12.85
C LEU B 136 -15.24 20.31 -12.09
N HIS B 137 -14.98 20.27 -10.79
CA HIS B 137 -14.91 21.42 -9.87
C HIS B 137 -13.47 21.56 -9.40
N ARG B 138 -12.83 22.67 -9.76
CA ARG B 138 -11.39 22.80 -9.57
C ARG B 138 -11.05 23.67 -8.38
N GLU B 139 -9.75 23.63 -8.01
CA GLU B 139 -9.18 24.58 -7.04
C GLU B 139 -9.90 24.58 -5.70
N LEU B 140 -10.20 23.38 -5.19
CA LEU B 140 -10.92 23.27 -3.95
C LEU B 140 -10.03 23.59 -2.77
N THR B 141 -10.62 24.29 -1.80
CA THR B 141 -9.99 24.47 -0.50
C THR B 141 -10.11 23.15 0.27
N GLU B 142 -9.27 23.01 1.30
CA GLU B 142 -9.38 21.80 2.13
C GLU B 142 -10.78 21.70 2.69
N GLU B 143 -11.33 22.84 3.12
CA GLU B 143 -12.66 22.85 3.74
C GLU B 143 -13.72 22.38 2.75
N ALA B 144 -13.66 22.85 1.52
CA ALA B 144 -14.62 22.49 0.49
C ALA B 144 -14.56 21.00 0.18
N LEU B 145 -13.35 20.45 0.12
CA LEU B 145 -13.28 19.03 -0.16
C LEU B 145 -13.93 18.21 0.94
N LYS B 146 -13.64 18.56 2.20
CA LYS B 146 -14.16 17.79 3.32
C LYS B 146 -15.68 17.90 3.38
N GLU B 147 -16.22 19.10 3.13
CA GLU B 147 -17.66 19.28 3.07
C GLU B 147 -18.27 18.48 1.94
N MET B 148 -17.61 18.42 0.78
CA MET B 148 -18.13 17.59 -0.32
C MET B 148 -18.17 16.12 0.07
N LEU B 149 -17.12 15.64 0.72
CA LEU B 149 -17.07 14.24 1.13
C LEU B 149 -18.15 13.94 2.17
N GLU B 150 -18.29 14.83 3.17
CA GLU B 150 -19.32 14.64 4.19
C GLU B 150 -20.70 14.57 3.57
N ALA B 151 -20.96 15.39 2.54
CA ALA B 151 -22.28 15.40 1.92
C ALA B 151 -22.48 14.16 1.07
N GLU B 152 -21.41 13.62 0.49
CA GLU B 152 -21.53 12.40 -0.30
C GLU B 152 -21.97 11.22 0.57
N PHE B 153 -21.75 11.27 1.89
CA PHE B 153 -22.14 10.16 2.79
C PHE B 153 -23.34 10.45 3.69
#